data_5J11
#
_entry.id   5J11
#
_cell.length_a   135.783
_cell.length_b   66.644
_cell.length_c   91.971
_cell.angle_alpha   90.00
_cell.angle_beta   109.20
_cell.angle_gamma   90.00
#
_symmetry.space_group_name_H-M   'C 1 2 1'
#
loop_
_entity.id
_entity.type
_entity.pdbx_description
1 polymer 'Thymic stromal lymphopoietin'
2 polymer 'Interleukin-7 receptor subunit alpha'
3 polymer 'Cytokine receptor-like factor 2'
4 non-polymer 'TRIETHYLENE GLYCOL'
5 non-polymer 2-acetamido-2-deoxy-beta-D-glucopyranose
6 water water
#
loop_
_entity_poly.entity_id
_entity_poly.type
_entity_poly.pdbx_seq_one_letter_code
_entity_poly.pdbx_strand_id
1 'polypeptide(L)'
;MGSSHHHHHHSSGLVPRGSHMYDFTNCDFEKIKAAYLSTISKDLITYMSGTKSTEFNNTVSCSNRPHCLTEIQSLTFNPT
AGCASLAKEMFAMKTKAALAIWCPGYSETQINATQAMKKVTTNKCLEQVSQLQGLWRRFNRPLLKQQ
;
A
2 'polypeptide(L)'
;MGSSHHHHHHSSGLVPRGSHMESGYAQNGDLEDAELDDYSFSCYSQLEVNGSQHSLTCAFEDPDVNITNLEFEICGALVE
VKCLNFRKLQEIYFIETKKFLLIGKSNICVKVGEKSLTCKKIDLTTIVKPEAPFDLSVVYREGANDFVVTFNTSHLQKKY
VKVLMHDVAYRQEKDENKWTHVNLSSTKLTLLQRKLQPAAMYEIKVRSIPDHYFKGFWSEWSPSYYFRTPEINNSSGEMD
;
B
3 'polypeptide(L)'
;MGRLVLLWGAAVFLLGGWMALGQGGAAEGVQIQIIYFNLETVQVTWQASKYSRTNLTFHYRFNGDEAYDQCTNYLLQEGH
TSGCLLDAEQRDDILYFSIRNGTHPVFTASRWMVYYLKPSSPKHVRFSWHQDAVTVTCSDLSYGDLLYEVQYRSPFDTEW
QSKQENTCNVTIEGLDAEKCYSFWVRVKAMEDVYGPDTYPSDWSEVTCWQRGEIRDACAETGTKHHHHHH
;
C
#
# COMPACT_ATOMS: atom_id res chain seq x y z
N MET A 21 15.61 29.02 3.01
CA MET A 21 17.08 29.08 3.05
C MET A 21 17.72 27.97 2.22
N TYR A 22 17.31 26.68 2.46
CA TYR A 22 17.86 25.53 1.73
C TYR A 22 16.97 25.09 0.55
N ASP A 23 17.62 24.82 -0.60
CA ASP A 23 16.96 24.36 -1.83
C ASP A 23 16.94 22.83 -1.83
N PHE A 24 15.72 22.24 -1.86
CA PHE A 24 15.61 20.78 -1.90
C PHE A 24 15.49 20.37 -3.36
N THR A 25 16.25 21.04 -4.22
CA THR A 25 16.15 20.93 -5.67
C THR A 25 16.99 19.78 -6.23
N ASN A 26 18.12 19.43 -5.58
CA ASN A 26 19.00 18.34 -6.03
C ASN A 26 18.86 17.05 -5.21
N CYS A 27 17.68 16.84 -4.59
CA CYS A 27 17.37 15.65 -3.78
C CYS A 27 17.10 14.43 -4.66
N ASP A 28 17.32 13.18 -4.12
CA ASP A 28 16.96 11.94 -4.81
C ASP A 28 15.56 11.63 -4.36
N PHE A 29 14.61 12.26 -5.03
CA PHE A 29 13.20 12.18 -4.73
C PHE A 29 12.66 10.76 -4.76
N GLU A 30 13.12 9.98 -5.72
CA GLU A 30 12.66 8.59 -5.85
C GLU A 30 13.07 7.74 -4.64
N LYS A 31 14.27 7.98 -4.09
CA LYS A 31 14.72 7.32 -2.87
C LYS A 31 13.89 7.79 -1.65
N ILE A 32 13.57 9.09 -1.58
CA ILE A 32 12.76 9.68 -0.53
C ILE A 32 11.34 9.13 -0.57
N LYS A 33 10.77 9.04 -1.77
CA LYS A 33 9.46 8.47 -2.02
C LYS A 33 9.42 7.02 -1.55
N ALA A 34 10.50 6.25 -1.78
CA ALA A 34 10.53 4.85 -1.36
C ALA A 34 10.54 4.74 0.16
N ALA A 35 11.23 5.67 0.83
CA ALA A 35 11.30 5.71 2.29
C ALA A 35 9.94 6.02 2.90
N TYR A 36 9.16 6.90 2.25
CA TYR A 36 7.83 7.29 2.70
C TYR A 36 6.84 6.14 2.64
N LEU A 37 6.83 5.46 1.50
CA LEU A 37 5.96 4.32 1.26
C LEU A 37 6.29 3.09 2.08
N SER A 38 7.56 2.89 2.43
CA SER A 38 8.03 1.76 3.23
C SER A 38 7.53 1.83 4.66
N THR A 39 7.88 2.90 5.37
CA THR A 39 7.59 3.02 6.80
C THR A 39 7.15 4.41 7.29
N ILE A 40 7.59 5.54 6.70
CA ILE A 40 7.18 6.89 7.20
C ILE A 40 5.68 7.07 7.13
N SER A 41 5.08 6.71 6.00
CA SER A 41 3.63 6.78 5.86
C SER A 41 2.96 6.07 7.02
N LYS A 42 3.39 4.82 7.29
CA LYS A 42 2.81 4.01 8.35
C LYS A 42 2.98 4.60 9.75
N ASP A 43 4.11 5.27 9.99
CA ASP A 43 4.41 5.92 11.28
C ASP A 43 3.54 7.16 11.50
N LEU A 44 3.19 7.88 10.43
CA LEU A 44 2.26 9.00 10.49
C LEU A 44 0.86 8.50 10.79
N ILE A 45 0.45 7.36 10.20
CA ILE A 45 -0.87 6.77 10.46
C ILE A 45 -0.95 6.26 11.90
N THR A 46 0.13 5.66 12.41
CA THR A 46 0.13 5.18 13.80
C THR A 46 0.03 6.38 14.78
N TYR A 47 0.67 7.53 14.46
CA TYR A 47 0.57 8.74 15.29
C TYR A 47 -0.87 9.29 15.28
N MET A 48 -1.53 9.22 14.12
CA MET A 48 -2.88 9.73 13.95
C MET A 48 -3.97 8.73 14.39
N SER A 49 -3.59 7.50 14.77
CA SER A 49 -4.51 6.45 15.22
C SER A 49 -5.53 7.00 16.23
N GLY A 50 -6.81 6.70 16.01
CA GLY A 50 -7.90 7.16 16.86
C GLY A 50 -8.62 8.42 16.42
N THR A 51 -8.15 9.06 15.33
CA THR A 51 -8.73 10.30 14.80
C THR A 51 -9.50 9.96 13.53
N LYS A 52 -10.54 10.76 13.24
CA LYS A 52 -11.32 10.61 12.00
C LYS A 52 -10.66 11.52 10.98
N SER A 53 -10.02 10.93 9.96
CA SER A 53 -9.26 11.62 8.89
C SER A 53 -10.05 12.73 8.15
N THR A 54 -11.34 12.48 7.87
CA THR A 54 -12.24 13.44 7.24
C THR A 54 -12.50 14.69 8.11
N GLU A 55 -12.21 14.62 9.44
CA GLU A 55 -12.47 15.73 10.36
C GLU A 55 -11.49 16.84 10.27
N PHE A 56 -10.29 16.63 9.63
CA PHE A 56 -9.23 17.66 9.62
C PHE A 56 -9.31 18.66 8.49
N ASN A 57 -9.10 19.98 8.83
CA ASN A 57 -9.07 21.08 7.86
C ASN A 57 -7.68 21.24 7.33
N ASN A 58 -7.48 20.98 6.04
CA ASN A 58 -6.17 21.09 5.40
C ASN A 58 -5.93 22.51 5.00
N THR A 59 -4.81 23.08 5.45
CA THR A 59 -4.45 24.49 5.24
C THR A 59 -3.11 24.70 4.55
N VAL A 60 -2.13 23.75 4.65
CA VAL A 60 -0.81 23.95 4.03
C VAL A 60 -0.72 23.17 2.73
N SER A 61 -0.45 23.90 1.64
CA SER A 61 -0.27 23.37 0.31
C SER A 61 1.21 23.39 -0.16
N CYS A 62 1.47 22.61 -1.22
CA CYS A 62 2.77 22.53 -1.84
C CYS A 62 2.59 22.20 -3.32
N SER A 63 3.57 22.59 -4.15
CA SER A 63 3.52 22.39 -5.59
C SER A 63 4.42 21.26 -5.97
N ASN A 64 5.67 21.58 -6.33
CA ASN A 64 6.62 20.58 -6.78
C ASN A 64 7.31 19.95 -5.61
N ARG A 65 8.07 18.89 -5.89
CA ARG A 65 8.70 18.06 -4.88
C ARG A 65 9.67 18.86 -4.03
N PRO A 66 10.51 19.75 -4.60
CA PRO A 66 11.35 20.61 -3.75
C PRO A 66 10.52 21.45 -2.80
N HIS A 67 9.45 22.09 -3.29
CA HIS A 67 8.57 22.89 -2.44
C HIS A 67 7.87 22.05 -1.36
N CYS A 68 7.49 20.82 -1.67
CA CYS A 68 6.86 19.95 -0.66
C CYS A 68 7.84 19.59 0.46
N LEU A 69 9.10 19.29 0.11
CA LEU A 69 10.15 18.96 1.10
C LEU A 69 10.48 20.17 1.98
N THR A 70 10.38 21.39 1.44
CA THR A 70 10.54 22.67 2.17
C THR A 70 9.45 22.77 3.23
N GLU A 71 8.21 22.56 2.84
CA GLU A 71 7.08 22.63 3.79
C GLU A 71 7.11 21.47 4.82
N ILE A 72 7.54 20.26 4.42
CA ILE A 72 7.67 19.08 5.31
C ILE A 72 8.76 19.34 6.36
N GLN A 73 9.84 19.94 5.92
CA GLN A 73 10.96 20.33 6.74
C GLN A 73 10.49 21.24 7.88
N SER A 74 9.78 22.31 7.51
CA SER A 74 9.28 23.28 8.46
C SER A 74 8.31 22.69 9.46
N LEU A 75 7.30 21.98 8.97
CA LEU A 75 6.27 21.42 9.85
C LEU A 75 6.75 20.30 10.77
N THR A 76 7.75 19.51 10.35
CA THR A 76 8.30 18.41 11.18
C THR A 76 9.26 18.92 12.25
N PHE A 77 10.10 19.90 11.92
CA PHE A 77 11.19 20.33 12.81
C PHE A 77 11.09 21.72 13.40
N ASN A 78 10.42 22.69 12.74
CA ASN A 78 10.32 24.04 13.30
C ASN A 78 9.24 24.04 14.38
N PRO A 79 9.59 24.43 15.63
CA PRO A 79 8.59 24.37 16.72
C PRO A 79 7.53 25.44 16.62
N THR A 80 6.28 25.01 16.43
CA THR A 80 5.12 25.90 16.28
C THR A 80 4.46 26.19 17.65
N ALA A 81 3.28 26.84 17.63
CA ALA A 81 2.47 27.12 18.81
C ALA A 81 1.30 26.12 18.77
N GLY A 82 1.10 25.41 19.88
CA GLY A 82 0.13 24.34 20.00
C GLY A 82 0.84 23.01 20.03
N CYS A 83 1.98 22.90 19.31
CA CYS A 83 2.80 21.70 19.27
C CYS A 83 4.28 22.05 19.47
N ALA A 84 4.78 21.74 20.69
CA ALA A 84 6.15 22.02 21.12
C ALA A 84 7.23 21.48 20.18
N SER A 85 7.20 20.17 19.91
CA SER A 85 8.21 19.53 19.06
C SER A 85 7.80 18.10 18.76
N LEU A 86 7.87 17.74 17.47
CA LEU A 86 7.57 16.38 16.99
C LEU A 86 8.89 15.66 16.70
N ALA A 87 10.05 16.30 16.98
CA ALA A 87 11.38 15.76 16.67
C ALA A 87 11.69 14.40 17.30
N LYS A 88 11.12 14.10 18.49
CA LYS A 88 11.34 12.82 19.16
C LYS A 88 10.44 11.68 18.63
N GLU A 89 9.55 11.98 17.67
CA GLU A 89 8.68 10.97 17.09
C GLU A 89 9.43 10.20 16.04
N MET A 90 9.13 8.91 15.94
CA MET A 90 9.75 8.00 14.98
C MET A 90 9.65 8.51 13.56
N PHE A 91 8.48 9.00 13.13
CA PHE A 91 8.35 9.55 11.77
C PHE A 91 9.31 10.72 11.51
N ALA A 92 9.57 11.57 12.54
CA ALA A 92 10.46 12.73 12.40
C ALA A 92 11.91 12.33 12.33
N MET A 93 12.29 11.34 13.13
CA MET A 93 13.65 10.80 13.13
C MET A 93 14.01 10.18 11.78
N LYS A 94 13.06 9.49 11.14
CA LYS A 94 13.25 8.89 9.82
C LYS A 94 13.28 9.98 8.76
N THR A 95 12.46 11.02 8.89
CA THR A 95 12.43 12.13 7.94
C THR A 95 13.77 12.86 7.93
N LYS A 96 14.33 13.09 9.12
CA LYS A 96 15.63 13.76 9.28
C LYS A 96 16.73 12.93 8.62
N ALA A 97 16.64 11.61 8.80
CA ALA A 97 17.60 10.64 8.26
C ALA A 97 17.52 10.55 6.73
N ALA A 98 16.30 10.54 6.17
CA ALA A 98 16.13 10.45 4.72
C ALA A 98 16.68 11.70 4.01
N LEU A 99 16.42 12.89 4.56
CA LEU A 99 16.92 14.15 3.99
C LEU A 99 18.45 14.30 4.11
N ALA A 100 19.06 13.78 5.16
CA ALA A 100 20.49 13.86 5.31
C ALA A 100 21.22 12.96 4.32
N ILE A 101 20.65 11.80 4.02
CA ILE A 101 21.23 10.85 3.08
C ILE A 101 21.03 11.32 1.63
N TRP A 102 19.78 11.74 1.28
CA TRP A 102 19.38 11.97 -0.10
C TRP A 102 19.24 13.40 -0.55
N CYS A 103 19.46 14.38 0.31
CA CYS A 103 19.48 15.78 -0.11
C CYS A 103 20.92 16.27 0.12
N PRO A 104 21.66 16.56 -0.97
CA PRO A 104 23.06 16.98 -0.82
C PRO A 104 23.18 18.40 -0.23
N GLY A 105 24.08 18.55 0.75
CA GLY A 105 24.25 19.81 1.47
C GLY A 105 23.08 20.16 2.38
N TYR A 106 22.28 19.16 2.80
CA TYR A 106 21.16 19.41 3.69
C TYR A 106 21.68 19.62 5.12
N SER A 107 21.36 20.80 5.72
CA SER A 107 21.73 21.12 7.11
C SER A 107 20.57 20.80 8.10
N GLU A 108 20.96 20.18 9.23
CA GLU A 108 20.08 19.79 10.34
C GLU A 108 20.64 20.40 11.65
N THR A 122 -3.13 23.95 22.46
CA THR A 122 -4.00 22.98 23.13
C THR A 122 -3.79 21.59 22.48
N ASN A 123 -2.51 21.15 22.39
CA ASN A 123 -2.08 19.88 21.78
C ASN A 123 -2.70 19.73 20.38
N LYS A 124 -2.41 20.72 19.52
CA LYS A 124 -2.83 20.75 18.13
C LYS A 124 -1.78 20.00 17.25
N CYS A 125 -1.09 18.98 17.85
CA CYS A 125 -0.07 18.17 17.20
C CYS A 125 -0.69 17.27 16.17
N LEU A 126 -1.84 16.65 16.50
CA LEU A 126 -2.55 15.78 15.57
C LEU A 126 -3.00 16.57 14.35
N GLU A 127 -3.44 17.82 14.54
CA GLU A 127 -3.82 18.69 13.43
C GLU A 127 -2.63 18.99 12.56
N GLN A 128 -1.48 19.23 13.17
CA GLN A 128 -0.25 19.51 12.43
C GLN A 128 0.30 18.30 11.71
N VAL A 129 0.19 17.10 12.30
CA VAL A 129 0.65 15.86 11.65
C VAL A 129 -0.26 15.54 10.48
N SER A 130 -1.55 15.91 10.59
CA SER A 130 -2.51 15.78 9.51
C SER A 130 -2.04 16.66 8.35
N GLN A 131 -1.58 17.91 8.63
CA GLN A 131 -1.05 18.78 7.57
C GLN A 131 0.16 18.13 6.89
N LEU A 132 1.08 17.46 7.66
CA LEU A 132 2.24 16.79 7.09
C LEU A 132 1.85 15.69 6.15
N GLN A 133 0.87 14.85 6.56
CA GLN A 133 0.33 13.76 5.74
C GLN A 133 -0.13 14.20 4.35
N GLY A 134 -0.72 15.38 4.24
CA GLY A 134 -1.16 15.94 2.96
C GLY A 134 -0.04 16.39 2.07
N LEU A 135 1.01 16.92 2.64
CA LEU A 135 2.18 17.37 1.89
C LEU A 135 2.94 16.17 1.38
N TRP A 136 3.05 15.11 2.22
CA TRP A 136 3.75 13.90 1.82
C TRP A 136 3.05 13.22 0.70
N ARG A 137 1.75 13.22 0.78
CA ARG A 137 0.89 12.67 -0.25
C ARG A 137 0.97 13.49 -1.51
N ARG A 138 0.95 14.83 -1.40
CA ARG A 138 1.08 15.70 -2.58
C ARG A 138 2.44 15.52 -3.21
N PHE A 139 3.49 15.21 -2.41
CA PHE A 139 4.84 14.95 -2.93
C PHE A 139 4.86 13.71 -3.86
N ASN A 140 3.89 12.82 -3.71
CA ASN A 140 3.71 11.62 -4.54
C ASN A 140 2.83 11.84 -5.76
N ARG A 141 2.34 13.08 -6.00
CA ARG A 141 1.47 13.43 -7.13
C ARG A 141 2.04 14.64 -7.91
N PRO A 142 3.34 14.66 -8.24
CA PRO A 142 3.89 15.83 -8.96
C PRO A 142 3.36 16.06 -10.38
N LEU A 143 2.69 15.07 -11.00
CA LEU A 143 2.16 15.23 -12.36
C LEU A 143 0.81 15.89 -12.41
N LEU A 144 0.11 16.01 -11.28
CA LEU A 144 -1.16 16.67 -11.28
C LEU A 144 -0.95 18.20 -11.25
N LYS A 145 -1.66 18.90 -12.16
CA LYS A 145 -1.62 20.36 -12.28
C LYS A 145 -2.33 21.06 -11.08
N GLN A 146 -2.10 22.37 -10.97
CA GLN A 146 -2.66 23.23 -9.94
C GLN A 146 -2.96 24.61 -10.52
N GLN A 147 -3.74 25.44 -9.80
CA GLN A 147 -4.03 26.83 -10.24
C GLN A 147 -2.77 27.73 -10.03
N ASP B 38 37.94 -16.10 2.59
CA ASP B 38 37.08 -15.01 3.05
C ASP B 38 36.19 -15.49 4.20
N TYR B 39 35.92 -14.58 5.16
CA TYR B 39 35.06 -14.84 6.33
C TYR B 39 33.64 -14.27 6.01
N SER B 40 33.19 -14.49 4.76
CA SER B 40 31.93 -14.00 4.25
C SER B 40 30.78 -14.58 5.03
N PHE B 41 29.68 -13.83 5.05
CA PHE B 41 28.45 -14.19 5.75
C PHE B 41 27.24 -13.66 4.98
N SER B 42 26.07 -14.02 5.44
CA SER B 42 24.81 -13.58 4.89
C SER B 42 23.94 -13.17 6.06
N CYS B 43 22.96 -12.30 5.81
CA CYS B 43 22.04 -11.80 6.84
C CYS B 43 20.62 -11.79 6.32
N TYR B 44 19.65 -11.73 7.25
CA TYR B 44 18.23 -11.55 6.94
C TYR B 44 17.55 -10.80 8.09
N SER B 45 16.61 -9.91 7.76
CA SER B 45 15.84 -9.17 8.75
C SER B 45 14.36 -9.65 8.76
N GLN B 46 13.70 -9.45 9.90
CA GLN B 46 12.28 -9.77 10.06
C GLN B 46 11.68 -8.64 10.82
N LEU B 47 10.86 -7.84 10.14
CA LEU B 47 10.26 -6.63 10.69
C LEU B 47 8.93 -6.99 11.35
N GLU B 48 8.76 -6.57 12.62
CA GLU B 48 7.58 -6.84 13.44
C GLU B 48 7.41 -8.34 13.67
N VAL B 49 8.53 -9.08 13.91
CA VAL B 49 8.50 -10.54 14.12
C VAL B 49 7.81 -10.89 15.45
N ASN B 50 8.04 -10.06 16.46
CA ASN B 50 7.45 -10.15 17.77
C ASN B 50 6.94 -8.74 18.09
N GLY B 51 5.63 -8.52 18.02
CA GLY B 51 5.03 -7.21 18.23
C GLY B 51 5.57 -6.16 17.28
N SER B 52 5.99 -5.00 17.81
CA SER B 52 6.59 -3.92 17.02
C SER B 52 8.14 -4.03 16.96
N GLN B 53 8.76 -5.13 17.52
CA GLN B 53 10.22 -5.29 17.40
C GLN B 53 10.57 -6.17 16.22
N HIS B 54 11.72 -5.87 15.64
CA HIS B 54 12.27 -6.50 14.46
C HIS B 54 13.43 -7.38 14.89
N SER B 55 13.97 -8.18 13.97
CA SER B 55 15.09 -9.06 14.24
C SER B 55 16.09 -9.03 13.11
N LEU B 56 17.38 -9.18 13.42
CA LEU B 56 18.46 -9.27 12.44
C LEU B 56 19.28 -10.51 12.81
N THR B 57 19.41 -11.42 11.83
CA THR B 57 20.06 -12.71 11.98
C THR B 57 21.19 -12.81 10.96
N CYS B 58 22.43 -13.13 11.40
CA CYS B 58 23.58 -13.32 10.50
C CYS B 58 24.28 -14.68 10.80
N ALA B 59 24.84 -15.30 9.74
CA ALA B 59 25.52 -16.59 9.85
C ALA B 59 26.57 -16.71 8.76
N PHE B 60 27.75 -17.29 9.08
CA PHE B 60 28.84 -17.44 8.13
C PHE B 60 28.52 -18.44 7.03
N GLU B 61 28.95 -18.11 5.78
CA GLU B 61 28.71 -18.96 4.61
C GLU B 61 29.47 -20.30 4.69
N ASP B 62 30.68 -20.32 5.33
CA ASP B 62 31.45 -21.55 5.55
C ASP B 62 30.99 -22.13 6.91
N PRO B 63 30.41 -23.35 6.98
CA PRO B 63 29.95 -23.87 8.29
C PRO B 63 31.07 -24.26 9.27
N ASP B 64 32.22 -24.75 8.76
CA ASP B 64 33.35 -25.20 9.61
C ASP B 64 34.40 -24.08 9.82
N VAL B 65 34.03 -23.08 10.66
CA VAL B 65 34.88 -21.92 11.03
C VAL B 65 34.96 -21.85 12.57
N ASN B 66 36.04 -21.24 13.12
CA ASN B 66 36.20 -21.10 14.58
C ASN B 66 35.41 -19.86 15.06
N ILE B 67 34.34 -20.10 15.85
CA ILE B 67 33.45 -19.06 16.39
C ILE B 67 33.83 -18.62 17.82
N THR B 68 34.71 -19.38 18.52
CA THR B 68 35.15 -19.07 19.89
C THR B 68 35.65 -17.63 20.09
N ASN B 69 36.35 -17.08 19.07
CA ASN B 69 36.94 -15.72 19.13
C ASN B 69 36.14 -14.62 18.38
N LEU B 70 35.13 -14.98 17.57
CA LEU B 70 34.42 -14.01 16.75
C LEU B 70 33.08 -13.50 17.32
N GLU B 71 32.83 -12.20 17.12
CA GLU B 71 31.64 -11.49 17.58
C GLU B 71 31.18 -10.47 16.49
N PHE B 72 29.85 -10.35 16.24
CA PHE B 72 29.30 -9.42 15.23
C PHE B 72 28.88 -8.09 15.85
N GLU B 73 28.92 -7.00 15.06
CA GLU B 73 28.52 -5.64 15.49
C GLU B 73 27.77 -4.92 14.36
N ILE B 74 26.59 -4.35 14.67
CA ILE B 74 25.84 -3.55 13.69
C ILE B 74 26.04 -2.08 14.03
N CYS B 75 26.40 -1.23 13.05
CA CYS B 75 26.60 0.20 13.26
C CYS B 75 25.94 1.03 12.13
N GLY B 76 25.10 1.99 12.49
CA GLY B 76 24.45 2.87 11.52
C GLY B 76 23.00 2.53 11.28
N ALA B 77 22.19 3.57 10.95
CA ALA B 77 20.73 3.49 10.71
C ALA B 77 20.02 2.90 11.91
N LEU B 78 20.41 3.36 13.11
CA LEU B 78 19.83 2.92 14.37
C LEU B 78 19.23 4.13 15.07
N VAL B 79 18.33 3.85 16.02
CA VAL B 79 17.56 4.85 16.76
C VAL B 79 18.24 5.19 18.08
N GLU B 80 18.81 6.41 18.16
CA GLU B 80 19.44 6.99 19.35
C GLU B 80 20.68 6.21 19.86
N VAL B 81 21.28 5.33 19.03
CA VAL B 81 22.49 4.55 19.35
C VAL B 81 23.36 4.47 18.09
N LYS B 82 24.68 4.33 18.26
CA LYS B 82 25.63 4.24 17.15
C LYS B 82 25.74 2.80 16.72
N CYS B 83 25.94 1.88 17.69
CA CYS B 83 26.08 0.45 17.43
C CYS B 83 25.22 -0.39 18.38
N LEU B 84 25.11 -1.69 18.06
CA LEU B 84 24.42 -2.69 18.87
C LEU B 84 25.12 -4.04 18.67
N ASN B 85 25.23 -4.84 19.73
CA ASN B 85 25.92 -6.12 19.67
C ASN B 85 24.95 -7.29 19.46
N PHE B 86 25.40 -8.28 18.68
CA PHE B 86 24.65 -9.52 18.39
C PHE B 86 24.94 -10.53 19.51
N ARG B 87 23.96 -11.40 19.78
CA ARG B 87 24.09 -12.45 20.79
C ARG B 87 24.60 -13.72 20.09
N LYS B 88 25.73 -14.28 20.58
CA LYS B 88 26.27 -15.52 20.00
C LYS B 88 25.41 -16.67 20.53
N LEU B 89 24.49 -17.16 19.68
CA LEU B 89 23.56 -18.26 20.01
C LEU B 89 23.84 -19.44 19.07
N GLN B 90 24.45 -20.53 19.60
CA GLN B 90 24.86 -21.76 18.88
C GLN B 90 25.67 -21.39 17.61
N GLU B 91 25.27 -21.81 16.39
CA GLU B 91 25.99 -21.48 15.16
C GLU B 91 25.34 -20.30 14.36
N ILE B 92 24.79 -19.26 15.08
CA ILE B 92 24.19 -18.06 14.48
C ILE B 92 24.34 -16.83 15.38
N TYR B 93 24.26 -15.63 14.79
CA TYR B 93 24.32 -14.35 15.50
C TYR B 93 22.96 -13.66 15.38
N PHE B 94 22.32 -13.30 16.53
CA PHE B 94 20.96 -12.75 16.58
C PHE B 94 20.78 -11.40 17.33
N ILE B 95 19.90 -10.53 16.76
CA ILE B 95 19.49 -9.23 17.33
C ILE B 95 17.96 -9.23 17.39
N GLU B 96 17.36 -8.47 18.32
CA GLU B 96 15.91 -8.33 18.46
C GLU B 96 15.65 -6.99 19.15
N THR B 97 15.14 -6.00 18.40
CA THR B 97 14.93 -4.66 18.95
C THR B 97 13.99 -3.81 18.12
N LYS B 98 13.53 -2.69 18.72
CA LYS B 98 12.72 -1.66 18.08
C LYS B 98 13.64 -0.50 17.59
N LYS B 99 14.97 -0.57 17.88
CA LYS B 99 15.91 0.49 17.54
C LYS B 99 16.47 0.45 16.09
N PHE B 100 15.84 -0.28 15.15
CA PHE B 100 16.23 -0.25 13.74
C PHE B 100 15.47 0.90 13.05
N LEU B 101 16.21 1.87 12.47
CA LEU B 101 15.61 3.06 11.83
C LEU B 101 14.95 2.76 10.45
N LEU B 102 15.45 1.75 9.71
CA LEU B 102 14.92 1.35 8.41
C LEU B 102 15.02 2.46 7.33
N ILE B 103 16.01 3.37 7.48
CA ILE B 103 16.34 4.46 6.56
C ILE B 103 17.85 4.38 6.39
N GLY B 104 18.32 4.20 5.16
CA GLY B 104 19.75 4.11 4.88
C GLY B 104 20.35 2.75 5.20
N LYS B 105 21.65 2.62 4.89
CA LYS B 105 22.43 1.40 5.12
C LYS B 105 23.07 1.41 6.49
N SER B 106 23.24 0.21 7.06
CA SER B 106 23.94 -0.02 8.32
C SER B 106 25.24 -0.71 7.94
N ASN B 107 26.12 -0.91 8.91
CA ASN B 107 27.41 -1.55 8.68
C ASN B 107 27.52 -2.73 9.64
N ILE B 108 27.43 -3.94 9.09
CA ILE B 108 27.53 -5.18 9.84
C ILE B 108 28.98 -5.65 9.69
N CYS B 109 29.71 -5.73 10.83
CA CYS B 109 31.10 -6.13 10.84
C CYS B 109 31.37 -7.32 11.75
N VAL B 110 32.28 -8.18 11.29
CA VAL B 110 32.76 -9.34 12.02
C VAL B 110 33.97 -8.80 12.78
N LYS B 111 33.94 -8.90 14.12
CA LYS B 111 35.01 -8.40 15.00
C LYS B 111 35.74 -9.51 15.76
N VAL B 112 37.05 -9.31 15.94
CA VAL B 112 37.95 -10.17 16.73
C VAL B 112 38.56 -9.17 17.73
N GLY B 113 37.79 -8.88 18.78
CA GLY B 113 38.12 -7.88 19.78
C GLY B 113 37.63 -6.52 19.30
N GLU B 114 38.57 -5.61 19.03
CA GLU B 114 38.26 -4.27 18.50
C GLU B 114 38.40 -4.26 16.96
N LYS B 115 39.44 -4.94 16.43
CA LYS B 115 39.73 -5.04 14.98
C LYS B 115 38.58 -5.68 14.20
N SER B 116 38.22 -5.13 13.01
CA SER B 116 37.17 -5.69 12.16
C SER B 116 37.81 -6.50 11.03
N LEU B 117 37.52 -7.82 10.97
CA LEU B 117 38.09 -8.70 9.94
C LEU B 117 37.43 -8.45 8.58
N THR B 118 36.09 -8.43 8.55
CA THR B 118 35.32 -8.14 7.33
C THR B 118 34.12 -7.24 7.67
N CYS B 119 33.71 -6.37 6.72
CA CYS B 119 32.59 -5.44 6.90
C CYS B 119 31.68 -5.46 5.69
N LYS B 120 30.37 -5.32 5.95
CA LYS B 120 29.34 -5.37 4.90
C LYS B 120 28.32 -4.23 5.12
N LYS B 121 28.11 -3.35 4.12
CA LYS B 121 27.13 -2.24 4.19
C LYS B 121 25.79 -2.72 3.60
N ILE B 122 24.74 -2.86 4.44
CA ILE B 122 23.43 -3.36 4.00
C ILE B 122 22.26 -2.55 4.55
N ASP B 123 21.18 -2.37 3.74
CA ASP B 123 19.94 -1.73 4.17
C ASP B 123 19.04 -2.87 4.66
N LEU B 124 18.52 -2.74 5.88
CA LEU B 124 17.67 -3.76 6.48
C LEU B 124 16.32 -3.95 5.76
N THR B 125 15.87 -2.97 4.99
CA THR B 125 14.64 -3.09 4.20
C THR B 125 14.83 -3.89 2.90
N THR B 126 16.07 -4.28 2.55
CA THR B 126 16.37 -5.05 1.32
C THR B 126 16.83 -6.52 1.57
N ILE B 127 16.88 -6.94 2.83
CA ILE B 127 17.24 -8.31 3.23
C ILE B 127 16.10 -8.93 4.04
N VAL B 128 14.86 -8.44 3.88
CA VAL B 128 13.73 -8.95 4.65
C VAL B 128 13.40 -10.42 4.30
N LYS B 129 13.20 -11.28 5.32
CA LYS B 129 12.80 -12.66 5.11
C LYS B 129 11.43 -12.80 5.76
N PRO B 130 10.34 -12.99 5.01
CA PRO B 130 9.03 -13.12 5.65
C PRO B 130 8.90 -14.32 6.57
N GLU B 131 7.84 -14.27 7.41
CA GLU B 131 7.44 -15.38 8.27
C GLU B 131 6.77 -16.35 7.33
N ALA B 132 7.03 -17.65 7.48
CA ALA B 132 6.50 -18.65 6.55
C ALA B 132 4.96 -18.80 6.61
N PRO B 133 4.26 -19.05 5.46
CA PRO B 133 2.81 -19.29 5.53
C PRO B 133 2.43 -20.51 6.37
N PHE B 134 1.15 -20.58 6.75
CA PHE B 134 0.62 -21.65 7.60
C PHE B 134 -0.85 -21.94 7.29
N ASP B 135 -1.43 -22.99 7.95
CA ASP B 135 -2.80 -23.48 7.72
C ASP B 135 -3.10 -23.78 6.25
N LEU B 136 -2.10 -24.32 5.55
CA LEU B 136 -2.21 -24.73 4.15
C LEU B 136 -3.19 -25.89 4.13
N SER B 137 -4.11 -25.89 3.17
CA SER B 137 -5.11 -26.95 3.04
C SER B 137 -5.68 -27.00 1.63
N VAL B 138 -6.13 -28.21 1.22
CA VAL B 138 -6.66 -28.51 -0.11
C VAL B 138 -8.01 -29.23 0.04
N VAL B 139 -9.03 -28.80 -0.72
CA VAL B 139 -10.37 -29.40 -0.66
C VAL B 139 -10.82 -29.72 -2.06
N TYR B 140 -11.27 -30.96 -2.28
CA TYR B 140 -11.80 -31.37 -3.58
C TYR B 140 -13.26 -30.92 -3.65
N ARG B 141 -13.66 -30.29 -4.77
CA ARG B 141 -15.02 -29.81 -5.00
C ARG B 141 -15.67 -30.76 -6.01
N GLU B 142 -16.61 -31.62 -5.54
CA GLU B 142 -17.25 -32.67 -6.34
C GLU B 142 -17.76 -32.21 -7.70
N GLY B 143 -18.61 -31.18 -7.71
CA GLY B 143 -19.18 -30.67 -8.95
C GLY B 143 -18.18 -29.96 -9.83
N ALA B 144 -17.37 -29.08 -9.22
CA ALA B 144 -16.38 -28.26 -9.91
C ALA B 144 -15.21 -29.07 -10.52
N ASN B 145 -14.88 -30.24 -9.95
CA ASN B 145 -13.79 -31.10 -10.41
C ASN B 145 -12.46 -30.39 -10.35
N ASP B 146 -12.18 -29.80 -9.18
CA ASP B 146 -10.95 -29.05 -8.90
C ASP B 146 -10.58 -29.13 -7.40
N PHE B 147 -9.45 -28.53 -7.03
CA PHE B 147 -8.94 -28.56 -5.67
C PHE B 147 -8.65 -27.13 -5.22
N VAL B 148 -9.40 -26.65 -4.23
CA VAL B 148 -9.21 -25.29 -3.75
C VAL B 148 -8.13 -25.32 -2.70
N VAL B 149 -7.00 -24.67 -2.99
CA VAL B 149 -5.82 -24.58 -2.14
C VAL B 149 -5.86 -23.21 -1.45
N THR B 150 -5.73 -23.20 -0.11
CA THR B 150 -5.79 -21.95 0.68
C THR B 150 -4.73 -22.00 1.74
N PHE B 151 -4.24 -20.83 2.15
CA PHE B 151 -3.23 -20.77 3.19
C PHE B 151 -3.33 -19.45 3.89
N ASN B 152 -2.52 -19.23 4.93
CA ASN B 152 -2.60 -18.00 5.69
C ASN B 152 -1.21 -17.41 5.96
N THR B 153 -1.16 -16.14 6.31
CA THR B 153 0.11 -15.46 6.60
C THR B 153 -0.13 -14.35 7.62
N SER B 154 0.77 -14.27 8.62
CA SER B 154 0.72 -13.26 9.67
C SER B 154 0.97 -11.85 9.10
N HIS B 155 1.63 -11.76 7.93
CA HIS B 155 1.96 -10.47 7.31
C HIS B 155 0.72 -9.64 6.96
N LEU B 156 -0.45 -10.28 6.80
CA LEU B 156 -1.73 -9.59 6.59
C LEU B 156 -2.15 -8.70 7.76
N GLN B 157 -1.67 -9.01 8.98
CA GLN B 157 -1.95 -8.27 10.21
C GLN B 157 -0.78 -7.35 10.63
N LYS B 158 0.30 -7.22 9.81
CA LYS B 158 1.45 -6.33 10.04
C LYS B 158 1.28 -4.95 9.36
N LYS B 159 1.99 -3.93 9.86
CA LYS B 159 1.96 -2.55 9.33
C LYS B 159 2.92 -2.32 8.18
N TYR B 160 4.18 -2.74 8.35
CA TYR B 160 5.23 -2.52 7.34
C TYR B 160 5.25 -3.52 6.17
N VAL B 161 5.75 -4.76 6.40
CA VAL B 161 5.86 -5.75 5.33
C VAL B 161 4.52 -6.48 5.26
N LYS B 162 3.54 -5.83 4.64
CA LYS B 162 2.18 -6.34 4.51
C LYS B 162 1.82 -6.82 3.10
N VAL B 163 2.72 -6.68 2.12
CA VAL B 163 2.53 -7.03 0.71
C VAL B 163 3.59 -8.04 0.35
N LEU B 164 3.18 -9.26 -0.05
CA LEU B 164 4.09 -10.34 -0.41
C LEU B 164 3.63 -10.99 -1.69
N MET B 165 4.55 -11.75 -2.28
CA MET B 165 4.32 -12.56 -3.45
C MET B 165 4.51 -13.98 -2.94
N HIS B 166 3.51 -14.83 -3.19
CA HIS B 166 3.53 -16.19 -2.70
C HIS B 166 3.98 -17.12 -3.77
N ASP B 167 4.61 -18.23 -3.39
CA ASP B 167 5.06 -19.24 -4.34
C ASP B 167 4.54 -20.57 -3.89
N VAL B 168 3.55 -21.09 -4.60
CA VAL B 168 2.97 -22.40 -4.31
C VAL B 168 3.63 -23.38 -5.23
N ALA B 169 4.22 -24.44 -4.66
CA ALA B 169 4.88 -25.49 -5.43
C ALA B 169 4.21 -26.84 -5.19
N TYR B 170 3.89 -27.58 -6.27
CA TYR B 170 3.29 -28.91 -6.15
C TYR B 170 3.91 -29.92 -7.10
N ARG B 171 3.75 -31.20 -6.76
CA ARG B 171 4.27 -32.31 -7.54
C ARG B 171 3.61 -33.63 -7.14
N GLN B 172 3.93 -34.69 -7.89
CA GLN B 172 3.54 -36.06 -7.57
C GLN B 172 4.61 -36.50 -6.61
N GLU B 173 4.24 -37.01 -5.42
CA GLU B 173 5.21 -37.39 -4.39
C GLU B 173 6.33 -38.34 -4.90
N LYS B 174 5.99 -39.24 -5.88
CA LYS B 174 6.93 -40.19 -6.52
C LYS B 174 8.08 -39.52 -7.32
N ASP B 175 7.79 -38.45 -8.09
CA ASP B 175 8.79 -37.73 -8.92
C ASP B 175 9.94 -37.11 -8.09
N GLU B 176 11.03 -36.66 -8.78
CA GLU B 176 12.19 -36.05 -8.12
C GLU B 176 12.12 -34.51 -8.12
N ASN B 177 12.58 -33.84 -9.22
CA ASN B 177 12.59 -32.38 -9.33
C ASN B 177 11.59 -31.90 -10.40
N LYS B 178 10.40 -32.54 -10.45
CA LYS B 178 9.33 -32.20 -11.38
C LYS B 178 8.28 -31.37 -10.61
N TRP B 179 8.76 -30.32 -9.89
CA TRP B 179 7.91 -29.45 -9.10
C TRP B 179 7.32 -28.38 -10.02
N THR B 180 6.05 -28.04 -9.83
CA THR B 180 5.34 -27.03 -10.60
C THR B 180 5.11 -25.84 -9.69
N HIS B 181 5.65 -24.65 -10.06
CA HIS B 181 5.57 -23.41 -9.28
C HIS B 181 4.56 -22.42 -9.84
N VAL B 182 3.80 -21.76 -8.93
CA VAL B 182 2.74 -20.81 -9.27
C VAL B 182 2.89 -19.59 -8.39
N ASN B 183 3.14 -18.40 -8.96
CA ASN B 183 3.22 -17.18 -8.13
C ASN B 183 1.85 -16.50 -8.08
N LEU B 184 1.50 -15.98 -6.88
CA LEU B 184 0.24 -15.30 -6.65
C LEU B 184 0.33 -14.30 -5.51
N SER B 185 -0.52 -13.28 -5.53
CA SER B 185 -0.60 -12.24 -4.49
C SER B 185 -1.69 -12.59 -3.45
N SER B 186 -2.66 -13.49 -3.77
CA SER B 186 -3.73 -13.85 -2.86
C SER B 186 -3.36 -15.07 -2.04
N THR B 187 -4.27 -15.49 -1.14
CA THR B 187 -4.04 -16.68 -0.34
C THR B 187 -4.97 -17.80 -0.73
N LYS B 188 -5.46 -17.82 -2.01
CA LYS B 188 -6.35 -18.86 -2.53
C LYS B 188 -6.02 -19.11 -4.00
N LEU B 189 -5.94 -20.39 -4.37
CA LEU B 189 -5.56 -20.92 -5.67
C LEU B 189 -6.38 -22.18 -5.97
N THR B 190 -6.67 -22.45 -7.25
CA THR B 190 -7.48 -23.62 -7.65
C THR B 190 -6.80 -24.44 -8.75
N LEU B 191 -6.62 -25.75 -8.49
CA LEU B 191 -6.03 -26.70 -9.42
C LEU B 191 -7.15 -27.58 -10.02
N LEU B 192 -7.19 -27.69 -11.36
CA LEU B 192 -8.19 -28.49 -12.08
C LEU B 192 -7.86 -29.98 -12.04
N GLN B 193 -8.89 -30.82 -11.90
CA GLN B 193 -8.72 -32.28 -11.85
C GLN B 193 -8.23 -32.85 -13.19
N ARG B 194 -8.70 -32.27 -14.30
CA ARG B 194 -8.30 -32.69 -15.65
C ARG B 194 -6.85 -32.29 -16.01
N LYS B 195 -6.24 -31.33 -15.29
CA LYS B 195 -4.85 -30.90 -15.51
C LYS B 195 -3.87 -31.55 -14.50
N LEU B 196 -4.29 -32.63 -13.78
CA LEU B 196 -3.45 -33.37 -12.84
C LEU B 196 -3.54 -34.85 -13.19
N GLN B 197 -2.60 -35.69 -12.71
CA GLN B 197 -2.63 -37.14 -12.96
C GLN B 197 -3.68 -37.77 -12.05
N PRO B 198 -4.46 -38.75 -12.53
CA PRO B 198 -5.47 -39.39 -11.66
C PRO B 198 -4.88 -40.47 -10.76
N ALA B 199 -5.58 -40.79 -9.64
CA ALA B 199 -5.18 -41.83 -8.68
C ALA B 199 -3.70 -41.67 -8.26
N ALA B 200 -3.31 -40.42 -7.94
CA ALA B 200 -1.93 -40.08 -7.59
C ALA B 200 -1.85 -39.26 -6.34
N MET B 201 -0.86 -39.56 -5.47
CA MET B 201 -0.57 -38.74 -4.31
C MET B 201 0.20 -37.52 -4.81
N TYR B 202 -0.25 -36.32 -4.42
CA TYR B 202 0.38 -35.07 -4.74
C TYR B 202 0.81 -34.43 -3.47
N GLU B 203 1.90 -33.67 -3.54
CA GLU B 203 2.44 -32.91 -2.41
C GLU B 203 2.39 -31.41 -2.80
N ILE B 204 2.07 -30.56 -1.83
CA ILE B 204 1.99 -29.13 -2.08
C ILE B 204 2.47 -28.36 -0.87
N LYS B 205 3.22 -27.29 -1.12
CA LYS B 205 3.76 -26.40 -0.08
C LYS B 205 3.80 -25.00 -0.65
N VAL B 206 3.99 -24.01 0.22
CA VAL B 206 3.97 -22.61 -0.16
C VAL B 206 4.98 -21.78 0.64
N ARG B 207 5.53 -20.74 -0.02
CA ARG B 207 6.48 -19.81 0.62
C ARG B 207 6.22 -18.38 0.11
N SER B 208 6.87 -17.35 0.70
CA SER B 208 6.64 -15.94 0.37
C SER B 208 7.88 -15.08 0.36
N ILE B 209 7.91 -14.07 -0.50
CA ILE B 209 9.01 -13.12 -0.61
C ILE B 209 8.42 -11.69 -0.45
N PRO B 210 9.18 -10.66 0.03
CA PRO B 210 8.59 -9.32 0.10
C PRO B 210 8.38 -8.71 -1.27
N ASP B 211 7.41 -7.82 -1.32
CA ASP B 211 6.99 -7.10 -2.52
C ASP B 211 6.58 -5.68 -2.07
N HIS B 212 6.69 -4.69 -2.95
CA HIS B 212 6.24 -3.31 -2.70
C HIS B 212 7.10 -2.51 -1.68
N TYR B 213 8.24 -2.01 -2.14
CA TYR B 213 9.15 -1.16 -1.36
C TYR B 213 9.83 -1.90 -0.20
N PHE B 214 9.88 -3.24 -0.27
CA PHE B 214 10.69 -4.09 0.61
C PHE B 214 11.23 -5.17 -0.33
N LYS B 215 12.54 -5.48 -0.21
CA LYS B 215 13.21 -6.53 -1.01
C LYS B 215 13.73 -7.52 0.01
N GLY B 216 14.15 -8.70 -0.45
CA GLY B 216 14.71 -9.72 0.44
C GLY B 216 14.71 -11.15 -0.07
N PHE B 217 14.51 -12.11 0.85
CA PHE B 217 14.57 -13.54 0.57
C PHE B 217 13.28 -14.26 0.75
N TRP B 218 13.21 -15.48 0.20
CA TRP B 218 12.06 -16.37 0.34
C TRP B 218 11.95 -16.82 1.78
N SER B 219 10.73 -16.98 2.27
CA SER B 219 10.52 -17.46 3.62
C SER B 219 10.86 -18.96 3.65
N GLU B 220 10.73 -19.58 4.83
CA GLU B 220 10.88 -21.03 4.89
C GLU B 220 9.60 -21.59 4.26
N TRP B 221 9.63 -22.83 3.76
CA TRP B 221 8.40 -23.41 3.20
C TRP B 221 7.43 -23.74 4.33
N SER B 222 6.15 -23.68 4.01
CA SER B 222 5.14 -24.08 4.97
C SER B 222 5.24 -25.63 5.09
N PRO B 223 4.65 -26.23 6.14
CA PRO B 223 4.59 -27.69 6.17
C PRO B 223 3.84 -28.16 4.92
N SER B 224 4.17 -29.35 4.40
CA SER B 224 3.53 -29.80 3.17
C SER B 224 2.17 -30.44 3.49
N TYR B 225 1.31 -30.46 2.48
CA TYR B 225 -0.01 -31.04 2.54
C TYR B 225 -0.09 -32.07 1.41
N TYR B 226 -0.61 -33.26 1.73
CA TYR B 226 -0.69 -34.36 0.79
C TYR B 226 -2.15 -34.68 0.47
N PHE B 227 -2.42 -35.02 -0.80
CA PHE B 227 -3.76 -35.32 -1.26
C PHE B 227 -3.73 -36.28 -2.45
N ARG B 228 -4.66 -37.23 -2.49
CA ARG B 228 -4.76 -38.17 -3.60
C ARG B 228 -5.92 -37.70 -4.49
N THR B 229 -5.72 -37.75 -5.82
CA THR B 229 -6.72 -37.34 -6.80
C THR B 229 -7.61 -38.53 -7.18
N PRO B 230 -8.89 -38.32 -7.57
CA PRO B 230 -9.72 -39.47 -7.95
C PRO B 230 -9.28 -40.21 -9.22
N GLU B 231 -9.74 -41.48 -9.37
CA GLU B 231 -9.43 -42.32 -10.53
C GLU B 231 -10.28 -41.88 -11.73
N ILE B 232 -9.99 -42.41 -12.94
CA ILE B 232 -10.74 -42.07 -14.16
C ILE B 232 -12.05 -42.87 -14.20
N ASN B 233 -13.10 -42.34 -13.55
CA ASN B 233 -14.44 -42.95 -13.48
C ASN B 233 -15.53 -41.88 -13.60
N GLY C 29 -24.87 21.01 13.31
CA GLY C 29 -26.09 21.12 12.51
C GLY C 29 -25.94 20.82 11.02
N VAL C 30 -24.85 21.31 10.38
CA VAL C 30 -24.63 21.12 8.94
C VAL C 30 -23.83 19.86 8.64
N GLN C 31 -24.44 18.93 7.89
CA GLN C 31 -23.83 17.68 7.44
C GLN C 31 -23.42 17.93 5.98
N ILE C 32 -22.19 17.55 5.64
CA ILE C 32 -21.56 17.80 4.34
C ILE C 32 -20.98 16.55 3.70
N GLN C 33 -21.08 16.46 2.37
CA GLN C 33 -20.45 15.40 1.56
C GLN C 33 -19.67 16.04 0.42
N ILE C 34 -18.51 15.48 0.08
CA ILE C 34 -17.67 15.97 -1.03
C ILE C 34 -17.35 14.81 -1.95
N ILE C 35 -17.44 15.01 -3.27
CA ILE C 35 -16.99 14.03 -4.29
C ILE C 35 -16.25 14.77 -5.36
N TYR C 36 -15.08 14.31 -5.75
CA TYR C 36 -14.30 14.82 -6.87
C TYR C 36 -14.44 13.78 -7.99
N PHE C 37 -15.43 14.01 -8.86
CA PHE C 37 -15.73 13.09 -9.95
C PHE C 37 -14.66 13.10 -11.02
N ASN C 38 -13.94 11.98 -11.13
CA ASN C 38 -12.92 11.70 -12.13
C ASN C 38 -11.87 12.79 -12.35
N LEU C 39 -11.56 13.58 -11.33
CA LEU C 39 -10.65 14.71 -11.41
C LEU C 39 -11.23 15.80 -12.34
N GLU C 40 -12.55 15.86 -12.50
CA GLU C 40 -13.19 16.86 -13.36
C GLU C 40 -14.03 17.81 -12.55
N THR C 41 -14.97 17.28 -11.79
CA THR C 41 -15.96 18.08 -11.09
C THR C 41 -16.00 17.77 -9.62
N VAL C 42 -15.95 18.82 -8.81
CA VAL C 42 -16.13 18.72 -7.38
C VAL C 42 -17.57 18.99 -7.09
N GLN C 43 -18.19 18.15 -6.29
CA GLN C 43 -19.56 18.33 -5.84
C GLN C 43 -19.54 18.37 -4.32
N VAL C 44 -19.97 19.46 -3.73
CA VAL C 44 -20.16 19.56 -2.31
C VAL C 44 -21.65 19.65 -2.06
N THR C 45 -22.19 18.78 -1.24
CA THR C 45 -23.62 18.82 -0.90
C THR C 45 -23.76 19.00 0.60
N TRP C 46 -24.83 19.66 1.03
CA TRP C 46 -25.08 19.90 2.44
C TRP C 46 -26.51 19.62 2.79
N GLN C 47 -26.75 19.40 4.08
CA GLN C 47 -28.09 19.19 4.65
C GLN C 47 -28.15 19.95 5.97
N ALA C 48 -29.22 20.71 6.19
CA ALA C 48 -29.42 21.41 7.48
C ALA C 48 -30.88 21.82 7.61
N SER C 49 -31.70 20.99 8.29
CA SER C 49 -33.15 21.23 8.48
C SER C 49 -33.51 22.60 9.03
N LYS C 50 -32.61 23.24 9.80
CA LYS C 50 -32.78 24.61 10.30
C LYS C 50 -32.97 25.57 9.11
N TYR C 51 -32.03 25.53 8.18
CA TYR C 51 -32.02 26.38 6.99
C TYR C 51 -32.67 25.70 5.77
N SER C 52 -33.81 25.00 5.98
CA SER C 52 -34.60 24.43 4.89
C SER C 52 -35.59 25.54 4.51
N ARG C 53 -36.26 25.42 3.34
CA ARG C 53 -37.14 26.48 2.80
C ARG C 53 -36.40 27.85 2.88
N THR C 54 -35.12 27.79 2.51
CA THR C 54 -34.14 28.88 2.57
C THR C 54 -32.95 28.49 1.64
N ASN C 55 -32.43 29.46 0.87
CA ASN C 55 -31.34 29.19 -0.06
C ASN C 55 -30.00 29.70 0.47
N LEU C 56 -29.23 28.78 1.10
CA LEU C 56 -27.89 29.08 1.59
C LEU C 56 -27.00 29.20 0.41
N THR C 57 -25.98 30.08 0.49
CA THR C 57 -25.02 30.30 -0.61
C THR C 57 -23.71 29.60 -0.36
N PHE C 58 -23.02 29.28 -1.44
CA PHE C 58 -21.75 28.56 -1.36
C PHE C 58 -20.63 29.41 -2.00
N HIS C 59 -19.54 29.57 -1.26
CA HIS C 59 -18.38 30.41 -1.62
C HIS C 59 -17.09 29.59 -1.48
N TYR C 60 -16.19 29.67 -2.45
CA TYR C 60 -14.99 28.84 -2.47
C TYR C 60 -13.79 29.54 -3.10
N ARG C 61 -12.66 28.87 -2.99
CA ARG C 61 -11.39 29.29 -3.60
C ARG C 61 -10.41 28.15 -3.48
N PHE C 62 -9.29 28.27 -4.17
CA PHE C 62 -8.25 27.23 -4.16
C PHE C 62 -6.95 27.64 -3.59
N ASN C 63 -6.90 28.77 -2.91
CA ASN C 63 -5.68 29.25 -2.26
C ASN C 63 -6.09 30.04 -1.06
N GLY C 64 -5.24 30.11 -0.04
CA GLY C 64 -5.53 30.88 1.15
C GLY C 64 -5.19 32.36 1.06
N ASP C 65 -4.84 32.90 -0.16
CA ASP C 65 -4.42 34.31 -0.35
C ASP C 65 -5.21 35.03 -1.41
N GLU C 66 -6.34 34.47 -1.76
CA GLU C 66 -7.24 34.93 -2.80
C GLU C 66 -8.62 35.10 -2.22
N ALA C 67 -9.41 35.99 -2.80
CA ALA C 67 -10.79 36.22 -2.38
C ALA C 67 -11.68 35.05 -2.77
N TYR C 68 -12.74 34.82 -1.99
CA TYR C 68 -13.72 33.79 -2.28
C TYR C 68 -14.62 34.19 -3.48
N ASP C 69 -14.93 33.21 -4.32
CA ASP C 69 -15.86 33.40 -5.44
C ASP C 69 -17.12 32.65 -5.09
N GLN C 70 -18.23 33.05 -5.67
CA GLN C 70 -19.48 32.38 -5.42
C GLN C 70 -19.82 31.29 -6.47
N CYS C 71 -20.57 30.26 -6.01
CA CYS C 71 -21.09 29.12 -6.80
C CYS C 71 -21.87 29.66 -7.99
N THR C 72 -21.63 29.08 -9.18
CA THR C 72 -22.34 29.39 -10.42
C THR C 72 -23.14 28.17 -10.88
N ASN C 73 -23.13 27.09 -10.08
CA ASN C 73 -23.84 25.86 -10.44
C ASN C 73 -24.35 25.17 -9.17
N TYR C 74 -25.63 25.47 -8.86
CA TYR C 74 -26.31 24.97 -7.68
C TYR C 74 -27.18 23.76 -7.94
N LEU C 75 -27.11 22.80 -7.01
CA LEU C 75 -28.02 21.67 -6.97
C LEU C 75 -29.14 22.04 -6.00
N LEU C 76 -30.38 21.65 -6.30
CA LEU C 76 -31.52 21.92 -5.39
C LEU C 76 -32.17 20.61 -4.96
N GLN C 77 -32.86 20.66 -3.85
CA GLN C 77 -33.62 19.53 -3.33
C GLN C 77 -34.75 20.11 -2.51
N GLU C 78 -35.98 19.69 -2.82
CA GLU C 78 -37.19 20.24 -2.18
C GLU C 78 -37.29 21.78 -2.42
N GLY C 79 -36.89 22.21 -3.63
CA GLY C 79 -36.97 23.59 -4.08
C GLY C 79 -35.89 24.52 -3.59
N HIS C 80 -34.96 24.04 -2.72
CA HIS C 80 -33.92 24.89 -2.13
C HIS C 80 -32.52 24.33 -2.36
N THR C 81 -31.52 25.22 -2.31
CA THR C 81 -30.12 24.87 -2.53
C THR C 81 -29.67 23.74 -1.62
N SER C 82 -28.99 22.76 -2.19
CA SER C 82 -28.51 21.56 -1.49
C SER C 82 -27.06 21.17 -1.85
N GLY C 83 -26.48 21.82 -2.84
CA GLY C 83 -25.15 21.48 -3.25
C GLY C 83 -24.62 22.44 -4.28
N CYS C 84 -23.39 22.23 -4.67
CA CYS C 84 -22.68 23.06 -5.63
C CYS C 84 -21.81 22.17 -6.49
N LEU C 85 -21.68 22.52 -7.77
CA LEU C 85 -20.77 21.86 -8.68
C LEU C 85 -19.69 22.84 -9.15
N LEU C 86 -18.42 22.50 -8.93
CA LEU C 86 -17.28 23.31 -9.40
C LEU C 86 -16.54 22.57 -10.49
N ASP C 87 -16.23 23.21 -11.62
CA ASP C 87 -15.39 22.51 -12.61
C ASP C 87 -13.95 22.79 -12.15
N ALA C 88 -13.25 21.71 -11.73
CA ALA C 88 -11.92 21.79 -11.14
C ALA C 88 -10.77 21.61 -12.14
N GLU C 89 -11.08 21.16 -13.34
CA GLU C 89 -10.14 21.10 -14.47
C GLU C 89 -8.85 20.30 -14.16
N GLN C 90 -9.02 19.10 -13.59
CA GLN C 90 -7.94 18.16 -13.30
C GLN C 90 -6.88 18.69 -12.34
N ARG C 91 -7.19 19.73 -11.56
CA ARG C 91 -6.26 20.40 -10.66
C ARG C 91 -6.25 19.76 -9.24
N ASP C 92 -5.07 19.69 -8.63
CA ASP C 92 -4.80 19.05 -7.33
C ASP C 92 -4.44 20.14 -6.34
N ASP C 93 -5.44 20.60 -5.66
CA ASP C 93 -5.34 21.72 -4.77
C ASP C 93 -6.23 21.46 -3.55
N ILE C 94 -6.11 22.34 -2.55
CA ILE C 94 -6.93 22.39 -1.35
C ILE C 94 -8.06 23.31 -1.71
N LEU C 95 -9.31 22.83 -1.61
CA LEU C 95 -10.50 23.63 -1.80
C LEU C 95 -10.86 24.20 -0.44
N TYR C 96 -10.98 25.53 -0.35
CA TYR C 96 -11.41 26.22 0.87
C TYR C 96 -12.86 26.68 0.58
N PHE C 97 -13.84 26.35 1.42
CA PHE C 97 -15.21 26.79 1.17
C PHE C 97 -15.97 27.23 2.40
N SER C 98 -17.03 27.99 2.20
CA SER C 98 -17.97 28.40 3.24
C SER C 98 -19.39 28.48 2.68
N ILE C 99 -20.35 27.99 3.48
CA ILE C 99 -21.78 28.02 3.21
C ILE C 99 -22.32 29.14 4.09
N ARG C 100 -23.10 30.07 3.52
CA ARG C 100 -23.61 31.20 4.31
C ARG C 100 -25.12 31.41 4.24
N ASN C 101 -25.69 31.95 5.35
CA ASN C 101 -27.06 32.40 5.52
C ASN C 101 -26.97 33.91 5.17
N GLY C 102 -26.70 34.18 3.90
CA GLY C 102 -26.45 35.52 3.38
C GLY C 102 -24.99 35.88 3.53
N THR C 103 -24.68 36.77 4.48
CA THR C 103 -23.31 37.20 4.82
C THR C 103 -22.70 36.28 5.92
N HIS C 104 -23.58 35.83 6.87
CA HIS C 104 -23.27 35.04 8.07
C HIS C 104 -22.82 33.60 7.71
N PRO C 105 -21.53 33.21 7.89
CA PRO C 105 -21.14 31.83 7.56
C PRO C 105 -21.68 30.80 8.55
N VAL C 106 -22.35 29.80 8.01
CA VAL C 106 -23.00 28.70 8.73
C VAL C 106 -22.01 27.50 8.88
N PHE C 107 -21.17 27.24 7.86
CA PHE C 107 -20.20 26.14 7.86
C PHE C 107 -18.95 26.52 7.10
N THR C 108 -17.75 26.28 7.68
CA THR C 108 -16.48 26.55 6.99
C THR C 108 -15.58 25.33 7.11
N ALA C 109 -14.96 24.94 5.98
CA ALA C 109 -14.00 23.85 5.89
C ALA C 109 -12.99 24.02 4.75
N SER C 110 -11.90 23.24 4.79
CA SER C 110 -10.85 23.20 3.75
C SER C 110 -10.30 21.78 3.64
N ARG C 111 -10.10 21.29 2.40
CA ARG C 111 -9.70 19.91 2.17
C ARG C 111 -8.95 19.74 0.87
N TRP C 112 -7.96 18.84 0.84
CA TRP C 112 -7.38 18.42 -0.45
C TRP C 112 -8.52 17.69 -1.21
N MET C 113 -8.83 18.18 -2.39
CA MET C 113 -9.91 17.70 -3.20
C MET C 113 -9.78 16.22 -3.58
N VAL C 114 -8.55 15.77 -3.86
CA VAL C 114 -8.30 14.40 -4.31
C VAL C 114 -8.52 13.36 -3.25
N TYR C 115 -8.72 13.80 -2.01
CA TYR C 115 -9.07 12.90 -0.89
C TYR C 115 -10.48 12.31 -1.06
N TYR C 116 -11.34 12.99 -1.83
CA TYR C 116 -12.71 12.59 -2.14
C TYR C 116 -12.84 12.17 -3.60
N LEU C 117 -11.74 11.71 -4.20
CA LEU C 117 -11.74 11.25 -5.57
C LEU C 117 -12.60 10.00 -5.82
N LYS C 118 -13.41 10.05 -6.88
CA LYS C 118 -14.16 8.91 -7.37
C LYS C 118 -13.76 8.74 -8.83
N PRO C 119 -12.88 7.77 -9.16
CA PRO C 119 -12.51 7.57 -10.57
C PRO C 119 -13.69 7.11 -11.41
N SER C 120 -13.62 7.30 -12.73
CA SER C 120 -14.71 6.87 -13.60
C SER C 120 -14.71 5.34 -13.80
N SER C 121 -15.88 4.83 -14.18
CA SER C 121 -16.13 3.41 -14.35
C SER C 121 -15.34 2.91 -15.56
N PRO C 122 -14.73 1.72 -15.50
CA PRO C 122 -13.96 1.22 -16.64
C PRO C 122 -14.71 1.22 -17.97
N LYS C 123 -14.08 1.77 -19.03
CA LYS C 123 -14.71 1.88 -20.37
C LYS C 123 -13.94 1.03 -21.36
N HIS C 124 -14.64 0.50 -22.36
CA HIS C 124 -14.06 -0.31 -23.43
C HIS C 124 -13.40 -1.57 -22.89
N VAL C 125 -14.11 -2.26 -21.97
CA VAL C 125 -13.61 -3.49 -21.36
C VAL C 125 -13.62 -4.63 -22.41
N ARG C 126 -12.46 -5.29 -22.61
CA ARG C 126 -12.28 -6.41 -23.55
C ARG C 126 -11.63 -7.60 -22.82
N PHE C 127 -11.96 -8.83 -23.24
CA PHE C 127 -11.44 -10.08 -22.68
C PHE C 127 -10.85 -10.93 -23.82
N SER C 128 -9.65 -11.48 -23.62
CA SER C 128 -8.97 -12.36 -24.58
C SER C 128 -8.64 -13.64 -23.84
N TRP C 129 -9.15 -14.78 -24.32
CA TRP C 129 -8.96 -16.07 -23.68
C TRP C 129 -7.92 -16.92 -24.35
N HIS C 130 -7.15 -17.68 -23.54
CA HIS C 130 -6.20 -18.66 -24.03
C HIS C 130 -6.20 -19.89 -23.14
N GLN C 131 -6.85 -20.95 -23.63
CA GLN C 131 -7.01 -22.22 -22.93
C GLN C 131 -7.64 -21.93 -21.54
N ASP C 132 -6.87 -22.03 -20.43
CA ASP C 132 -7.36 -21.80 -19.06
C ASP C 132 -6.83 -20.47 -18.50
N ALA C 133 -6.93 -19.40 -19.28
CA ALA C 133 -6.46 -18.08 -18.88
C ALA C 133 -7.19 -16.99 -19.64
N VAL C 134 -7.23 -15.80 -19.07
CA VAL C 134 -7.93 -14.65 -19.63
C VAL C 134 -7.14 -13.40 -19.30
N THR C 135 -7.10 -12.44 -20.24
CA THR C 135 -6.46 -11.13 -20.04
C THR C 135 -7.53 -10.08 -20.28
N VAL C 136 -7.87 -9.34 -19.23
CA VAL C 136 -8.90 -8.30 -19.27
C VAL C 136 -8.22 -6.94 -19.38
N THR C 137 -8.56 -6.17 -20.43
CA THR C 137 -8.01 -4.84 -20.68
C THR C 137 -9.13 -3.82 -20.70
N CYS C 138 -8.78 -2.54 -20.50
CA CYS C 138 -9.74 -1.45 -20.58
C CYS C 138 -9.02 -0.15 -20.78
N SER C 139 -9.76 0.93 -21.00
CA SER C 139 -9.16 2.25 -21.20
C SER C 139 -8.62 2.74 -19.88
N ASP C 140 -7.31 3.01 -19.85
CA ASP C 140 -6.67 3.57 -18.66
C ASP C 140 -7.10 5.05 -18.52
N LEU C 141 -7.11 5.55 -17.26
CA LEU C 141 -7.37 6.96 -16.99
C LEU C 141 -6.09 7.76 -17.26
N SER C 142 -6.23 9.09 -17.30
CA SER C 142 -5.17 10.06 -17.59
C SER C 142 -4.30 10.38 -16.37
N TYR C 143 -4.71 9.94 -15.19
CA TYR C 143 -4.01 10.16 -13.93
C TYR C 143 -3.59 8.79 -13.33
N GLY C 144 -2.49 8.81 -12.59
CA GLY C 144 -1.86 7.61 -12.05
C GLY C 144 -2.22 7.30 -10.62
N ASP C 145 -1.52 6.28 -10.10
CA ASP C 145 -1.64 5.71 -8.75
C ASP C 145 -3.05 5.18 -8.47
N LEU C 146 -3.57 4.45 -9.45
CA LEU C 146 -4.89 3.82 -9.39
C LEU C 146 -4.70 2.31 -9.51
N LEU C 147 -5.69 1.53 -9.02
CA LEU C 147 -5.70 0.08 -9.08
C LEU C 147 -6.87 -0.37 -9.91
N TYR C 148 -6.64 -1.03 -11.04
CA TYR C 148 -7.74 -1.52 -11.91
C TYR C 148 -8.04 -2.97 -11.46
N GLU C 149 -9.15 -3.17 -10.76
CA GLU C 149 -9.51 -4.47 -10.18
C GLU C 149 -10.57 -5.19 -10.97
N VAL C 150 -10.31 -6.48 -11.22
CA VAL C 150 -11.22 -7.42 -11.86
C VAL C 150 -11.71 -8.42 -10.83
N GLN C 151 -13.02 -8.53 -10.64
CA GLN C 151 -13.60 -9.54 -9.76
C GLN C 151 -14.31 -10.60 -10.64
N TYR C 152 -14.28 -11.89 -10.21
CA TYR C 152 -14.87 -13.00 -10.96
C TYR C 152 -15.32 -14.14 -10.10
N ARG C 153 -16.24 -14.95 -10.64
CA ARG C 153 -16.76 -16.15 -9.96
C ARG C 153 -17.54 -17.06 -10.90
N SER C 154 -17.58 -18.35 -10.56
CA SER C 154 -18.38 -19.37 -11.25
C SER C 154 -19.54 -19.76 -10.31
N PRO C 155 -20.52 -20.53 -10.80
CA PRO C 155 -21.59 -21.02 -9.91
C PRO C 155 -21.11 -21.86 -8.71
N PHE C 156 -19.87 -22.39 -8.76
CA PHE C 156 -19.27 -23.19 -7.67
C PHE C 156 -18.68 -22.33 -6.57
N ASP C 157 -18.48 -21.01 -6.81
CA ASP C 157 -17.88 -20.10 -5.84
C ASP C 157 -18.92 -19.38 -5.00
N THR C 158 -18.65 -19.27 -3.68
CA THR C 158 -19.51 -18.63 -2.68
C THR C 158 -19.26 -17.10 -2.57
N GLU C 159 -18.07 -16.62 -2.99
CA GLU C 159 -17.75 -15.17 -3.00
C GLU C 159 -16.96 -14.83 -4.28
N TRP C 160 -16.83 -13.54 -4.55
CA TRP C 160 -16.05 -13.04 -5.70
C TRP C 160 -14.57 -13.21 -5.39
N GLN C 161 -13.77 -13.59 -6.39
CA GLN C 161 -12.31 -13.70 -6.28
C GLN C 161 -11.84 -12.46 -7.01
N SER C 162 -10.62 -11.96 -6.71
CA SER C 162 -10.13 -10.71 -7.29
C SER C 162 -8.63 -10.71 -7.68
N LYS C 163 -8.31 -9.96 -8.75
CA LYS C 163 -6.95 -9.66 -9.18
C LYS C 163 -6.93 -8.20 -9.59
N GLN C 164 -5.88 -7.44 -9.22
CA GLN C 164 -5.79 -6.02 -9.59
C GLN C 164 -4.39 -5.64 -10.03
N GLU C 165 -4.29 -4.54 -10.80
CA GLU C 165 -3.02 -4.02 -11.33
C GLU C 165 -3.04 -2.51 -11.41
N ASN C 166 -1.86 -1.91 -11.67
CA ASN C 166 -1.60 -0.46 -11.90
C ASN C 166 -2.15 0.04 -13.23
N THR C 167 -2.33 -0.85 -14.22
CA THR C 167 -2.88 -0.52 -15.54
C THR C 167 -4.02 -1.49 -15.82
N CYS C 168 -4.87 -1.15 -16.77
CA CYS C 168 -6.01 -1.97 -17.09
C CYS C 168 -5.61 -3.04 -18.14
N ASN C 169 -4.92 -4.05 -17.59
CA ASN C 169 -4.41 -5.24 -18.28
C ASN C 169 -4.11 -6.22 -17.14
N VAL C 170 -5.13 -6.96 -16.76
CA VAL C 170 -5.07 -7.93 -15.68
C VAL C 170 -5.19 -9.32 -16.29
N THR C 171 -4.22 -10.20 -16.01
CA THR C 171 -4.26 -11.58 -16.52
C THR C 171 -4.61 -12.55 -15.39
N ILE C 172 -5.65 -13.37 -15.60
CA ILE C 172 -6.08 -14.35 -14.60
C ILE C 172 -5.89 -15.76 -15.18
N GLU C 173 -4.77 -16.43 -14.83
CA GLU C 173 -4.49 -17.80 -15.27
C GLU C 173 -5.13 -18.80 -14.29
N GLY C 174 -5.17 -20.06 -14.70
CA GLY C 174 -5.69 -21.16 -13.88
C GLY C 174 -7.19 -21.28 -13.75
N LEU C 175 -7.97 -20.73 -14.71
CA LEU C 175 -9.42 -20.82 -14.69
C LEU C 175 -9.85 -22.10 -15.40
N ASP C 176 -11.14 -22.30 -15.62
CA ASP C 176 -11.67 -23.46 -16.34
C ASP C 176 -12.50 -23.02 -17.54
N ALA C 177 -12.02 -23.35 -18.75
CA ALA C 177 -12.74 -23.07 -20.00
C ALA C 177 -14.13 -23.70 -19.97
N GLU C 178 -14.25 -24.90 -19.39
CA GLU C 178 -15.52 -25.63 -19.27
C GLU C 178 -16.57 -24.95 -18.36
N LYS C 179 -16.17 -24.01 -17.48
CA LYS C 179 -17.09 -23.30 -16.58
C LYS C 179 -17.52 -21.94 -17.08
N CYS C 180 -18.69 -21.49 -16.59
CA CYS C 180 -19.20 -20.15 -16.84
C CYS C 180 -18.62 -19.24 -15.71
N TYR C 181 -18.09 -18.08 -16.06
CA TYR C 181 -17.57 -17.10 -15.10
C TYR C 181 -18.21 -15.77 -15.33
N SER C 182 -18.61 -15.12 -14.24
CA SER C 182 -19.17 -13.77 -14.25
C SER C 182 -17.98 -12.87 -13.90
N PHE C 183 -17.88 -11.69 -14.58
CA PHE C 183 -16.78 -10.74 -14.40
C PHE C 183 -17.25 -9.31 -14.34
N TRP C 184 -16.52 -8.48 -13.60
CA TRP C 184 -16.77 -7.04 -13.56
C TRP C 184 -15.51 -6.32 -13.05
N VAL C 185 -15.34 -5.08 -13.52
CA VAL C 185 -14.13 -4.28 -13.33
C VAL C 185 -14.45 -2.95 -12.70
N ARG C 186 -13.46 -2.40 -11.99
CA ARG C 186 -13.58 -1.07 -11.39
C ARG C 186 -12.19 -0.46 -11.14
N VAL C 187 -12.16 0.86 -10.83
CA VAL C 187 -10.95 1.61 -10.59
C VAL C 187 -11.01 2.18 -9.19
N LYS C 188 -9.91 2.00 -8.49
CA LYS C 188 -9.68 2.47 -7.13
C LYS C 188 -8.45 3.37 -7.14
N ALA C 189 -8.39 4.35 -6.25
CA ALA C 189 -7.23 5.18 -6.02
C ALA C 189 -6.43 4.55 -4.94
N MET C 190 -5.09 4.62 -5.05
CA MET C 190 -4.18 4.10 -4.05
C MET C 190 -4.13 4.97 -2.78
N GLU C 191 -4.44 4.36 -1.61
CA GLU C 191 -4.42 4.99 -0.28
C GLU C 191 -3.12 5.71 0.06
N ASP C 192 -1.96 5.18 -0.36
CA ASP C 192 -0.70 5.85 -0.03
C ASP C 192 -0.58 7.24 -0.68
N VAL C 193 -1.24 7.45 -1.83
CA VAL C 193 -1.18 8.70 -2.59
C VAL C 193 -2.38 9.56 -2.40
N TYR C 194 -3.56 8.98 -2.47
CA TYR C 194 -4.81 9.73 -2.37
C TYR C 194 -5.48 9.69 -0.99
N GLY C 195 -4.96 8.89 -0.08
CA GLY C 195 -5.51 8.80 1.28
C GLY C 195 -6.63 7.81 1.38
N PRO C 196 -7.16 7.61 2.60
CA PRO C 196 -8.19 6.56 2.83
C PRO C 196 -9.65 6.85 2.55
N ASP C 197 -10.07 8.10 2.27
CA ASP C 197 -11.50 8.44 2.15
C ASP C 197 -12.06 8.55 0.71
N THR C 198 -11.35 7.99 -0.29
CA THR C 198 -11.80 8.05 -1.68
C THR C 198 -12.91 7.01 -1.91
N TYR C 199 -13.55 7.07 -3.07
CA TYR C 199 -14.60 6.13 -3.44
C TYR C 199 -14.14 5.29 -4.60
N PRO C 200 -14.42 3.98 -4.61
CA PRO C 200 -14.07 3.22 -5.82
C PRO C 200 -15.03 3.64 -6.90
N SER C 201 -14.64 3.47 -8.14
CA SER C 201 -15.55 3.75 -9.24
C SER C 201 -16.74 2.81 -9.12
N ASP C 202 -17.73 3.05 -9.95
CA ASP C 202 -18.84 2.11 -10.06
C ASP C 202 -18.28 0.94 -10.87
N TRP C 203 -18.82 -0.26 -10.65
CA TRP C 203 -18.39 -1.42 -11.42
C TRP C 203 -18.97 -1.28 -12.81
N SER C 204 -18.24 -1.83 -13.80
CA SER C 204 -18.65 -1.89 -15.19
C SER C 204 -19.72 -2.97 -15.33
N GLU C 205 -20.37 -3.07 -16.52
CA GLU C 205 -21.39 -4.09 -16.78
C GLU C 205 -20.83 -5.50 -16.54
N VAL C 206 -21.65 -6.37 -15.93
CA VAL C 206 -21.29 -7.77 -15.67
C VAL C 206 -21.38 -8.56 -16.97
N THR C 207 -20.35 -9.37 -17.24
CA THR C 207 -20.28 -10.22 -18.42
C THR C 207 -20.02 -11.66 -18.02
N CYS C 208 -20.67 -12.61 -18.73
CA CYS C 208 -20.61 -14.04 -18.46
C CYS C 208 -19.86 -14.75 -19.60
N TRP C 209 -18.91 -15.67 -19.28
CA TRP C 209 -18.05 -16.33 -20.27
C TRP C 209 -17.81 -17.83 -20.04
N GLN C 210 -18.13 -18.68 -21.05
CA GLN C 210 -17.88 -20.13 -21.04
C GLN C 210 -17.28 -20.57 -22.39
N ARG C 211 -16.08 -21.18 -22.35
CA ARG C 211 -15.32 -21.65 -23.51
C ARG C 211 -14.90 -20.52 -24.47
N GLY C 212 -14.51 -19.38 -23.89
CA GLY C 212 -14.06 -18.21 -24.64
C GLY C 212 -15.10 -17.47 -25.46
N GLU C 213 -16.39 -17.60 -25.11
CA GLU C 213 -17.51 -16.95 -25.79
C GLU C 213 -18.42 -16.23 -24.76
N ILE C 214 -19.11 -15.13 -25.16
CA ILE C 214 -20.01 -14.40 -24.24
C ILE C 214 -21.33 -15.16 -24.06
N ARG C 215 -21.99 -15.01 -22.89
CA ARG C 215 -23.27 -15.66 -22.55
C ARG C 215 -24.25 -14.69 -21.91
N ASP C 216 -25.50 -15.13 -21.68
CA ASP C 216 -26.56 -14.30 -21.10
C ASP C 216 -26.62 -14.34 -19.56
N ALA C 217 -26.90 -15.51 -18.96
CA ALA C 217 -27.05 -15.71 -17.52
C ALA C 217 -25.95 -16.65 -17.02
N CYS C 218 -25.84 -16.90 -15.71
CA CYS C 218 -24.80 -17.80 -15.18
C CYS C 218 -25.33 -18.48 -13.90
#